data_8WBU
#
_entry.id   8WBU
#
_cell.length_a   55.540
_cell.length_b   75.350
_cell.length_c   91.740
_cell.angle_alpha   90.00
_cell.angle_beta   90.00
_cell.angle_gamma   90.00
#
_symmetry.space_group_name_H-M   'P 21 21 21'
#
loop_
_entity.id
_entity.type
_entity.pdbx_description
1 polymer 'Cellobiose 2-epimerase'
2 non-polymer beta-D-mannopyranose
3 water water
#
_entity_poly.entity_id   1
_entity_poly.type   'polypeptide(L)'
_entity_poly.pdbx_seq_one_letter_code
;GSMDITRFKEDLKAHLEEKIIPFWQSLKDDEFGGYYGYMDFNLNIDRKAQKGCILNSRILWFFSACYNVLKSEKCKEMAF
HAFEFLKNKFWDKEYEGLFWSVSHKGVPVDVTKHVYVQAFGIYGLSEYYEASGDEEALHMAKRLFEILETKCKRENGYTE
QFERNWQEKENRFLSENGVIASKTMNTHLHVLESYTNLYRLLKLDDVYEALEWIVRLFVDKIYKKGTGHFKVFCDDNWNE
LIKAVSYGFDIEASWLLDQAAKYLKDEKLKEEVEKLALEVAQITLKEAFDGQSLINEMIEDRIDRSKIWWVEAETVVGFF
NAYQKTKEEKYLDAAIKTWEFIKEHLVDRRKNSEWLWKVNEDLEAVNMPIVEQWKCPYHNGRMCLEIIKRV
;
_entity_poly.pdbx_strand_id   A
#
# COMPACT_ATOMS: atom_id res chain seq x y z
N GLY A 1 8.17 -4.73 25.57
CA GLY A 1 8.44 -3.32 25.35
C GLY A 1 9.72 -2.86 26.02
N SER A 2 10.10 -1.61 25.80
CA SER A 2 11.35 -1.08 26.34
C SER A 2 11.33 0.44 26.26
N MET A 3 12.30 1.06 26.92
CA MET A 3 12.46 2.50 26.82
C MET A 3 12.71 2.92 25.37
N ASP A 4 13.56 2.17 24.67
CA ASP A 4 13.81 2.45 23.25
C ASP A 4 12.54 2.33 22.43
N ILE A 5 11.74 1.28 22.68
CA ILE A 5 10.53 1.08 21.89
C ILE A 5 9.52 2.17 22.21
N THR A 6 9.41 2.56 23.48
CA THR A 6 8.50 3.64 23.83
C THR A 6 8.90 4.95 23.16
N ARG A 7 10.19 5.28 23.22
CA ARG A 7 10.65 6.51 22.59
C ARG A 7 10.49 6.47 21.08
N PHE A 8 10.66 5.27 20.49
CA PHE A 8 10.42 5.05 19.07
C PHE A 8 8.97 5.39 18.71
N LYS A 9 8.02 4.85 19.46
CA LYS A 9 6.62 5.14 19.20
C LYS A 9 6.34 6.64 19.32
N GLU A 10 6.85 7.26 20.40
CA GLU A 10 6.59 8.68 20.63
C GLU A 10 7.15 9.53 19.51
N ASP A 11 8.36 9.17 19.02
CA ASP A 11 8.96 9.88 17.91
C ASP A 11 8.12 9.77 16.64
N LEU A 12 7.61 8.57 16.36
CA LEU A 12 6.79 8.37 15.15
C LEU A 12 5.46 9.07 15.29
N LYS A 13 4.84 9.00 16.47
CA LYS A 13 3.59 9.72 16.66
C LYS A 13 3.77 11.21 16.47
N ALA A 14 4.84 11.78 17.05
CA ALA A 14 5.10 13.21 16.88
C ALA A 14 5.31 13.56 15.42
N HIS A 15 6.07 12.72 14.71
CA HIS A 15 6.31 12.95 13.30
C HIS A 15 5.02 12.94 12.49
N LEU A 16 4.15 11.97 12.75
CA LEU A 16 2.86 11.90 12.08
C LEU A 16 2.03 13.16 12.35
N GLU A 17 1.97 13.58 13.61
CA GLU A 17 1.11 14.69 13.96
C GLU A 17 1.67 16.03 13.50
N GLU A 18 3.00 16.18 13.53
CA GLU A 18 3.58 17.49 13.29
C GLU A 18 4.08 17.67 11.86
N LYS A 19 4.37 16.59 11.14
CA LYS A 19 4.86 16.69 9.77
C LYS A 19 3.88 16.12 8.75
N ILE A 20 3.51 14.84 8.87
CA ILE A 20 2.78 14.17 7.79
C ILE A 20 1.35 14.69 7.69
N ILE A 21 0.60 14.66 8.80
CA ILE A 21 -0.80 15.10 8.78
C ILE A 21 -0.93 16.53 8.28
N PRO A 22 -0.20 17.52 8.81
CA PRO A 22 -0.40 18.90 8.31
C PRO A 22 0.00 19.07 6.86
N PHE A 23 0.97 18.29 6.38
CA PHE A 23 1.35 18.39 4.98
C PHE A 23 0.20 17.96 4.07
N TRP A 24 -0.38 16.79 4.35
CA TRP A 24 -1.44 16.30 3.45
C TRP A 24 -2.71 17.14 3.60
N GLN A 25 -2.94 17.73 4.78
CA GLN A 25 -4.06 18.66 4.92
C GLN A 25 -3.90 19.84 3.99
N SER A 26 -2.66 20.24 3.71
CA SER A 26 -2.41 21.38 2.82
C SER A 26 -2.65 21.06 1.35
N LEU A 27 -2.80 19.78 0.99
CA LEU A 27 -3.11 19.37 -0.37
C LEU A 27 -4.62 19.35 -0.64
N LYS A 28 -5.43 19.74 0.33
CA LYS A 28 -6.88 19.72 0.14
C LYS A 28 -7.28 20.70 -0.95
N ASP A 29 -8.05 20.21 -1.92
CA ASP A 29 -8.56 21.00 -3.04
C ASP A 29 -9.99 21.39 -2.72
N ASP A 30 -10.17 22.60 -2.17
CA ASP A 30 -11.49 23.11 -1.86
C ASP A 30 -12.17 23.77 -3.05
N GLU A 31 -11.46 23.96 -4.16
CA GLU A 31 -12.09 24.56 -5.33
C GLU A 31 -12.88 23.53 -6.11
N PHE A 32 -12.33 22.33 -6.29
CA PHE A 32 -12.96 21.31 -7.10
C PHE A 32 -13.26 20.03 -6.35
N GLY A 33 -12.79 19.90 -5.12
CA GLY A 33 -12.98 18.67 -4.37
C GLY A 33 -11.74 17.81 -4.43
N GLY A 34 -11.68 16.84 -3.52
CA GLY A 34 -10.52 15.98 -3.48
C GLY A 34 -9.24 16.70 -3.06
N TYR A 35 -8.11 16.16 -3.53
CA TYR A 35 -6.78 16.61 -3.15
C TYR A 35 -5.97 16.88 -4.41
N TYR A 36 -5.12 17.91 -4.38
CA TYR A 36 -4.32 18.21 -5.56
C TYR A 36 -3.46 17.01 -5.97
N GLY A 37 -3.25 16.88 -7.28
CA GLY A 37 -2.68 15.66 -7.82
C GLY A 37 -1.18 15.58 -7.89
N TYR A 38 -0.46 16.71 -7.74
CA TYR A 38 0.97 16.75 -8.00
C TYR A 38 1.61 17.90 -7.24
N MET A 39 2.80 17.64 -6.69
CA MET A 39 3.64 18.70 -6.14
C MET A 39 5.08 18.33 -6.51
N ASP A 40 5.77 19.24 -7.21
CA ASP A 40 7.08 18.89 -7.72
C ASP A 40 8.14 18.97 -6.62
N PHE A 41 9.38 18.66 -7.01
CA PHE A 41 10.50 18.67 -6.08
C PHE A 41 10.76 20.04 -5.48
N ASN A 42 10.40 21.10 -6.20
CA ASN A 42 10.55 22.47 -5.71
C ASN A 42 9.38 22.91 -4.85
N LEU A 43 8.49 21.98 -4.49
CA LEU A 43 7.35 22.17 -3.60
C LEU A 43 6.24 23.01 -4.22
N ASN A 44 6.20 23.10 -5.54
CA ASN A 44 5.12 23.79 -6.25
C ASN A 44 4.00 22.82 -6.55
N ILE A 45 2.80 23.12 -6.05
CA ILE A 45 1.63 22.31 -6.34
C ILE A 45 1.13 22.64 -7.74
N ASP A 46 0.91 21.59 -8.55
CA ASP A 46 0.18 21.76 -9.82
C ASP A 46 -1.29 21.52 -9.51
N ARG A 47 -2.01 22.61 -9.23
CA ARG A 47 -3.41 22.47 -8.86
C ARG A 47 -4.24 21.87 -9.99
N LYS A 48 -3.80 22.01 -11.24
CA LYS A 48 -4.53 21.48 -12.39
C LYS A 48 -4.12 20.07 -12.77
N ALA A 49 -3.26 19.42 -11.97
CA ALA A 49 -2.82 18.08 -12.30
C ALA A 49 -3.99 17.10 -12.29
N GLN A 50 -3.90 16.07 -13.14
CA GLN A 50 -4.89 15.01 -13.09
C GLN A 50 -4.84 14.31 -11.73
N LYS A 51 -5.97 13.78 -11.31
CA LYS A 51 -6.13 13.18 -9.99
C LYS A 51 -6.28 11.66 -10.13
N GLY A 52 -5.31 10.92 -9.59
CA GLY A 52 -5.37 9.48 -9.64
C GLY A 52 -6.29 8.90 -8.56
N CYS A 53 -7.04 7.87 -8.95
CA CYS A 53 -7.95 7.27 -7.98
C CYS A 53 -7.19 6.61 -6.84
N ILE A 54 -6.08 5.93 -7.14
CA ILE A 54 -5.32 5.28 -6.10
C ILE A 54 -4.86 6.29 -5.06
N LEU A 55 -4.37 7.45 -5.53
CA LEU A 55 -3.91 8.47 -4.60
C LEU A 55 -5.06 8.94 -3.71
N ASN A 56 -6.23 9.18 -4.31
CA ASN A 56 -7.36 9.66 -3.50
C ASN A 56 -7.79 8.62 -2.48
N SER A 57 -7.81 7.33 -2.87
CA SER A 57 -8.20 6.28 -1.94
C SER A 57 -7.15 6.11 -0.85
N ARG A 58 -5.89 6.31 -1.19
CA ARG A 58 -4.83 6.24 -0.18
C ARG A 58 -4.97 7.38 0.81
N ILE A 59 -5.32 8.58 0.32
CA ILE A 59 -5.56 9.71 1.23
C ILE A 59 -6.78 9.44 2.09
N LEU A 60 -7.85 8.89 1.49
CA LEU A 60 -9.02 8.52 2.27
C LEU A 60 -8.65 7.51 3.35
N TRP A 61 -7.88 6.48 3.00
CA TRP A 61 -7.47 5.51 4.00
C TRP A 61 -6.68 6.20 5.10
N PHE A 62 -5.73 7.05 4.72
CA PHE A 62 -4.81 7.65 5.68
C PHE A 62 -5.57 8.47 6.72
N PHE A 63 -6.36 9.44 6.26
CA PHE A 63 -7.08 10.31 7.19
C PHE A 63 -8.08 9.53 8.03
N SER A 64 -8.72 8.52 7.44
CA SER A 64 -9.64 7.68 8.20
C SER A 64 -8.90 6.93 9.30
N ALA A 65 -7.75 6.36 8.97
CA ALA A 65 -6.97 5.61 9.95
C ALA A 65 -6.40 6.54 11.02
N CYS A 66 -5.99 7.75 10.64
CA CYS A 66 -5.58 8.73 11.65
C CYS A 66 -6.71 9.00 12.63
N TYR A 67 -7.95 9.13 12.13
CA TYR A 67 -9.06 9.32 13.05
C TYR A 67 -9.24 8.09 13.93
N ASN A 68 -9.20 6.91 13.34
CA ASN A 68 -9.47 5.70 14.10
C ASN A 68 -8.44 5.50 15.21
N VAL A 69 -7.18 5.87 14.96
CA VAL A 69 -6.10 5.70 15.93
C VAL A 69 -5.97 6.90 16.85
N LEU A 70 -5.90 8.11 16.28
CA LEU A 70 -5.64 9.32 17.06
C LEU A 70 -6.90 10.05 17.51
N LYS A 71 -8.06 9.75 16.92
CA LYS A 71 -9.31 10.45 17.24
C LYS A 71 -9.23 11.94 16.92
N SER A 72 -8.54 12.29 15.85
CA SER A 72 -8.48 13.68 15.41
C SER A 72 -9.71 14.00 14.56
N GLU A 73 -10.54 14.93 15.05
CA GLU A 73 -11.74 15.29 14.28
C GLU A 73 -11.39 15.96 12.97
N LYS A 74 -10.29 16.73 12.93
CA LYS A 74 -9.84 17.32 11.66
C LYS A 74 -9.54 16.23 10.64
N CYS A 75 -8.89 15.15 11.07
CA CYS A 75 -8.62 14.06 10.14
C CYS A 75 -9.91 13.44 9.63
N LYS A 76 -10.90 13.32 10.51
CA LYS A 76 -12.19 12.81 10.05
C LYS A 76 -12.77 13.72 8.97
N GLU A 77 -12.64 15.05 9.13
CA GLU A 77 -13.14 15.97 8.12
C GLU A 77 -12.36 15.84 6.82
N MET A 78 -11.04 15.66 6.91
CA MET A 78 -10.23 15.46 5.72
C MET A 78 -10.59 14.15 5.03
N ALA A 79 -10.91 13.11 5.81
CA ALA A 79 -11.35 11.86 5.20
C ALA A 79 -12.68 12.02 4.48
N PHE A 80 -13.62 12.72 5.11
CA PHE A 80 -14.91 13.01 4.47
C PHE A 80 -14.69 13.69 3.13
N HIS A 81 -13.75 14.64 3.07
CA HIS A 81 -13.47 15.33 1.81
C HIS A 81 -13.01 14.35 0.73
N ALA A 82 -12.10 13.44 1.08
CA ALA A 82 -11.67 12.43 0.12
C ALA A 82 -12.81 11.48 -0.25
N PHE A 83 -13.67 11.15 0.71
CA PHE A 83 -14.77 10.24 0.44
C PHE A 83 -15.77 10.88 -0.52
N GLU A 84 -16.12 12.15 -0.28
CA GLU A 84 -17.01 12.85 -1.19
C GLU A 84 -16.48 12.82 -2.63
N PHE A 85 -15.18 13.09 -2.81
CA PHE A 85 -14.62 13.08 -4.15
C PHE A 85 -14.63 11.67 -4.74
N LEU A 86 -14.36 10.66 -3.94
CA LEU A 86 -14.49 9.27 -4.42
C LEU A 86 -15.91 8.99 -4.89
N LYS A 87 -16.91 9.25 -4.04
CA LYS A 87 -18.26 8.87 -4.41
C LYS A 87 -18.79 9.74 -5.54
N ASN A 88 -18.35 10.99 -5.64
CA ASN A 88 -18.91 11.90 -6.64
C ASN A 88 -18.20 11.84 -7.99
N LYS A 89 -16.90 11.58 -8.02
CA LYS A 89 -16.14 11.66 -9.27
C LYS A 89 -15.49 10.35 -9.68
N PHE A 90 -14.98 9.56 -8.73
CA PHE A 90 -14.32 8.32 -9.12
C PHE A 90 -15.28 7.15 -9.26
N TRP A 91 -16.37 7.13 -8.50
CA TRP A 91 -17.33 6.04 -8.58
C TRP A 91 -18.16 6.14 -9.85
N ASP A 92 -18.17 5.07 -10.62
CA ASP A 92 -18.89 4.98 -11.88
C ASP A 92 -20.36 4.63 -11.59
N LYS A 93 -21.26 5.61 -11.73
CA LYS A 93 -22.64 5.35 -11.39
C LYS A 93 -23.31 4.37 -12.35
N GLU A 94 -22.84 4.30 -13.60
CA GLU A 94 -23.51 3.45 -14.57
C GLU A 94 -23.06 1.99 -14.48
N TYR A 95 -21.75 1.74 -14.41
CA TYR A 95 -21.24 0.37 -14.43
C TYR A 95 -20.61 -0.07 -13.11
N GLU A 96 -20.59 0.81 -12.10
CA GLU A 96 -20.04 0.56 -10.77
C GLU A 96 -18.52 0.44 -10.78
N GLY A 97 -17.92 0.50 -9.60
CA GLY A 97 -16.48 0.47 -9.51
C GLY A 97 -15.86 1.84 -9.73
N LEU A 98 -14.55 1.88 -9.64
CA LEU A 98 -13.79 3.13 -9.58
C LEU A 98 -12.99 3.35 -10.86
N PHE A 99 -13.15 4.53 -11.46
CA PHE A 99 -12.32 4.96 -12.59
C PHE A 99 -10.85 5.01 -12.18
N TRP A 100 -9.97 4.93 -13.19
CA TRP A 100 -8.54 5.00 -12.94
C TRP A 100 -8.11 6.43 -12.59
N SER A 101 -8.59 7.43 -13.32
CA SER A 101 -8.15 8.81 -13.09
C SER A 101 -9.19 9.80 -13.62
N VAL A 102 -9.20 10.98 -13.03
CA VAL A 102 -10.06 12.08 -13.46
C VAL A 102 -9.23 13.35 -13.56
N SER A 103 -9.82 14.38 -14.15
CA SER A 103 -9.13 15.65 -14.23
C SER A 103 -9.17 16.34 -12.87
N HIS A 104 -8.45 17.47 -12.75
CA HIS A 104 -8.53 18.21 -11.49
C HIS A 104 -9.96 18.65 -11.17
N LYS A 105 -10.81 18.82 -12.20
CA LYS A 105 -12.22 19.16 -11.98
C LYS A 105 -13.11 17.94 -11.78
N GLY A 106 -12.58 16.73 -11.91
CA GLY A 106 -13.36 15.51 -11.77
C GLY A 106 -13.89 14.92 -13.06
N VAL A 107 -13.48 15.42 -14.22
CA VAL A 107 -13.94 14.85 -15.48
C VAL A 107 -13.17 13.55 -15.74
N PRO A 108 -13.83 12.46 -16.09
CA PRO A 108 -13.12 11.18 -16.23
C PRO A 108 -12.07 11.24 -17.32
N VAL A 109 -10.83 10.91 -16.96
CA VAL A 109 -9.71 10.87 -17.88
C VAL A 109 -9.44 9.45 -18.38
N ASP A 110 -9.47 8.49 -17.47
CA ASP A 110 -9.27 7.09 -17.80
C ASP A 110 -10.33 6.32 -17.05
N VAL A 111 -11.32 5.80 -17.79
CA VAL A 111 -12.46 5.12 -17.20
C VAL A 111 -12.28 3.61 -17.11
N THR A 112 -11.11 3.08 -17.49
CA THR A 112 -10.89 1.65 -17.35
C THR A 112 -10.88 1.26 -15.87
N LYS A 113 -11.14 -0.01 -15.62
CA LYS A 113 -11.33 -0.54 -14.28
C LYS A 113 -10.18 -1.49 -13.99
N HIS A 114 -9.31 -1.11 -13.08
CA HIS A 114 -8.19 -1.95 -12.72
C HIS A 114 -8.37 -2.48 -11.31
N VAL A 115 -8.02 -3.76 -11.11
CA VAL A 115 -8.20 -4.39 -9.80
C VAL A 115 -7.37 -3.66 -8.75
N TYR A 116 -6.25 -3.11 -9.15
N TYR A 116 -6.20 -3.15 -9.12
CA TYR A 116 -5.38 -2.39 -8.24
CA TYR A 116 -5.37 -2.41 -8.17
C TYR A 116 -6.14 -1.19 -7.63
C TYR A 116 -6.13 -1.21 -7.62
N VAL A 117 -6.86 -0.50 -8.48
CA VAL A 117 -7.66 0.64 -8.06
C VAL A 117 -8.82 0.17 -7.19
N GLN A 118 -9.50 -0.91 -7.58
CA GLN A 118 -10.64 -1.37 -6.81
C GLN A 118 -10.22 -1.81 -5.42
N ALA A 119 -9.06 -2.48 -5.32
CA ALA A 119 -8.55 -2.92 -4.02
C ALA A 119 -8.31 -1.75 -3.09
N PHE A 120 -7.60 -0.72 -3.58
CA PHE A 120 -7.41 0.45 -2.71
C PHE A 120 -8.72 1.11 -2.35
N GLY A 121 -9.71 1.05 -3.25
CA GLY A 121 -11.03 1.56 -2.90
C GLY A 121 -11.62 0.83 -1.71
N ILE A 122 -11.56 -0.51 -1.73
CA ILE A 122 -12.06 -1.29 -0.61
C ILE A 122 -11.33 -0.91 0.68
N TYR A 123 -10.01 -0.80 0.58
CA TYR A 123 -9.17 -0.50 1.73
C TYR A 123 -9.55 0.85 2.33
N GLY A 124 -9.67 1.87 1.49
CA GLY A 124 -10.04 3.20 1.99
C GLY A 124 -11.48 3.28 2.46
N LEU A 125 -12.41 2.71 1.69
CA LEU A 125 -13.81 2.78 2.08
C LEU A 125 -14.09 2.01 3.37
N SER A 126 -13.45 0.85 3.56
CA SER A 126 -13.68 0.12 4.80
C SER A 126 -13.12 0.88 6.00
N GLU A 127 -11.95 1.49 5.85
CA GLU A 127 -11.40 2.28 6.94
C GLU A 127 -12.30 3.47 7.24
N TYR A 128 -12.80 4.13 6.19
CA TYR A 128 -13.69 5.28 6.38
C TYR A 128 -15.01 4.87 7.03
N TYR A 129 -15.52 3.69 6.69
CA TYR A 129 -16.70 3.19 7.38
C TYR A 129 -16.45 3.05 8.88
N GLU A 130 -15.30 2.51 9.26
CA GLU A 130 -14.98 2.42 10.68
C GLU A 130 -14.95 3.81 11.31
N ALA A 131 -14.43 4.80 10.57
CA ALA A 131 -14.30 6.14 11.13
C ALA A 131 -15.63 6.86 11.23
N SER A 132 -16.53 6.63 10.27
CA SER A 132 -17.71 7.46 10.10
C SER A 132 -19.04 6.77 10.34
N GLY A 133 -19.12 5.45 10.15
CA GLY A 133 -20.39 4.75 10.16
C GLY A 133 -21.22 4.91 8.91
N ASP A 134 -20.67 5.54 7.87
CA ASP A 134 -21.43 5.83 6.66
C ASP A 134 -21.71 4.54 5.90
N GLU A 135 -22.98 4.13 5.88
CA GLU A 135 -23.32 2.88 5.23
C GLU A 135 -23.23 2.96 3.72
N GLU A 136 -23.16 4.15 3.15
CA GLU A 136 -22.83 4.27 1.73
C GLU A 136 -21.41 3.80 1.47
N ALA A 137 -20.46 4.15 2.34
CA ALA A 137 -19.09 3.65 2.18
C ALA A 137 -19.05 2.13 2.29
N LEU A 138 -19.77 1.60 3.28
CA LEU A 138 -19.86 0.15 3.45
C LEU A 138 -20.43 -0.52 2.19
N HIS A 139 -21.53 0.02 1.68
CA HIS A 139 -22.16 -0.56 0.49
C HIS A 139 -21.21 -0.55 -0.71
N MET A 140 -20.49 0.55 -0.91
CA MET A 140 -19.54 0.60 -2.03
CA MET A 140 -19.55 0.60 -2.03
C MET A 140 -18.41 -0.39 -1.83
N ALA A 141 -17.92 -0.52 -0.59
CA ALA A 141 -16.85 -1.48 -0.33
C ALA A 141 -17.33 -2.90 -0.63
N LYS A 142 -18.53 -3.26 -0.14
CA LYS A 142 -19.07 -4.59 -0.40
C LYS A 142 -19.31 -4.80 -1.88
N ARG A 143 -19.74 -3.76 -2.59
CA ARG A 143 -20.01 -3.90 -4.01
C ARG A 143 -18.72 -4.11 -4.79
N LEU A 144 -17.65 -3.40 -4.41
CA LEU A 144 -16.35 -3.60 -5.03
C LEU A 144 -15.87 -5.03 -4.82
N PHE A 145 -16.02 -5.53 -3.59
CA PHE A 145 -15.65 -6.91 -3.29
C PHE A 145 -16.43 -7.89 -4.15
N GLU A 146 -17.75 -7.68 -4.27
CA GLU A 146 -18.59 -8.58 -5.07
C GLU A 146 -18.18 -8.57 -6.53
N ILE A 147 -17.88 -7.40 -7.06
CA ILE A 147 -17.46 -7.30 -8.45
C ILE A 147 -16.13 -8.00 -8.67
N LEU A 148 -15.15 -7.77 -7.79
CA LEU A 148 -13.88 -8.47 -7.92
C LEU A 148 -14.08 -9.98 -7.93
N GLU A 149 -14.94 -10.48 -7.04
CA GLU A 149 -15.11 -11.92 -6.89
C GLU A 149 -15.93 -12.54 -8.02
N THR A 150 -16.90 -11.79 -8.56
CA THR A 150 -17.81 -12.35 -9.54
C THR A 150 -17.45 -11.99 -10.98
N LYS A 151 -16.66 -10.92 -11.20
CA LYS A 151 -16.32 -10.51 -12.55
C LYS A 151 -14.83 -10.62 -12.87
N CYS A 152 -13.95 -10.48 -11.88
CA CYS A 152 -12.52 -10.35 -12.14
C CYS A 152 -11.71 -11.58 -11.75
N LYS A 153 -12.21 -12.41 -10.84
CA LYS A 153 -11.42 -13.52 -10.33
C LYS A 153 -11.39 -14.66 -11.33
N ARG A 154 -10.23 -15.29 -11.46
CA ARG A 154 -10.05 -16.48 -12.30
C ARG A 154 -9.37 -17.56 -11.45
N GLU A 155 -9.08 -18.69 -12.09
CA GLU A 155 -8.65 -19.84 -11.31
C GLU A 155 -7.29 -19.61 -10.63
N ASN A 156 -6.42 -18.80 -11.24
N ASN A 156 -6.42 -18.80 -11.23
CA ASN A 156 -5.08 -18.59 -10.71
CA ASN A 156 -5.08 -18.60 -10.67
C ASN A 156 -4.84 -17.16 -10.27
C ASN A 156 -4.85 -17.17 -10.22
N GLY A 157 -5.90 -16.42 -9.97
CA GLY A 157 -5.79 -15.06 -9.48
C GLY A 157 -6.79 -14.18 -10.19
N TYR A 158 -6.52 -12.89 -10.17
CA TYR A 158 -7.42 -11.91 -10.78
C TYR A 158 -6.88 -11.49 -12.13
N THR A 159 -7.75 -11.47 -13.14
CA THR A 159 -7.47 -10.65 -14.31
C THR A 159 -7.46 -9.20 -13.86
N GLU A 160 -6.46 -8.45 -14.28
CA GLU A 160 -6.20 -7.20 -13.57
C GLU A 160 -6.84 -5.98 -14.20
N GLN A 161 -7.04 -5.93 -15.53
CA GLN A 161 -7.48 -4.74 -16.24
CA GLN A 161 -7.55 -4.72 -16.16
C GLN A 161 -8.75 -5.02 -17.03
N PHE A 162 -9.71 -4.10 -16.99
CA PHE A 162 -11.00 -4.24 -17.66
C PHE A 162 -11.38 -2.91 -18.31
N GLU A 163 -12.23 -3.01 -19.34
CA GLU A 163 -12.89 -1.82 -19.83
C GLU A 163 -13.84 -1.26 -18.77
N ARG A 164 -14.35 -0.07 -19.04
CA ARG A 164 -15.28 0.56 -18.11
C ARG A 164 -16.46 -0.35 -17.76
N ASN A 165 -16.98 -1.08 -18.76
CA ASN A 165 -18.13 -1.95 -18.55
C ASN A 165 -17.75 -3.36 -18.09
N TRP A 166 -16.51 -3.55 -17.62
CA TRP A 166 -15.98 -4.77 -17.01
C TRP A 166 -15.65 -5.88 -18.02
N GLN A 167 -15.60 -5.59 -19.31
CA GLN A 167 -15.03 -6.56 -20.24
C GLN A 167 -13.52 -6.62 -20.07
N GLU A 168 -12.98 -7.83 -19.97
CA GLU A 168 -11.56 -7.97 -19.67
C GLU A 168 -10.70 -7.50 -20.86
N LYS A 169 -9.51 -7.07 -20.52
CA LYS A 169 -8.51 -6.75 -21.50
C LYS A 169 -7.10 -7.08 -20.98
N GLU A 170 -6.10 -6.96 -21.82
CA GLU A 170 -4.73 -7.17 -21.39
C GLU A 170 -4.32 -6.11 -20.38
N ASN A 171 -3.36 -6.44 -19.56
CA ASN A 171 -2.96 -5.56 -18.48
C ASN A 171 -2.23 -4.34 -18.97
N ARG A 172 -2.15 -3.33 -18.12
CA ARG A 172 -1.45 -2.10 -18.42
C ARG A 172 -0.04 -2.03 -17.83
N PHE A 173 0.32 -2.98 -16.99
CA PHE A 173 1.64 -2.99 -16.36
C PHE A 173 2.61 -3.78 -17.23
N LEU A 174 3.82 -3.25 -17.41
CA LEU A 174 4.81 -3.86 -18.29
C LEU A 174 6.10 -4.14 -17.53
N SER A 175 6.80 -5.19 -17.97
CA SER A 175 8.18 -5.41 -17.56
C SER A 175 9.06 -4.27 -18.10
N GLU A 176 10.32 -4.26 -17.66
CA GLU A 176 11.23 -3.23 -18.18
C GLU A 176 11.70 -3.51 -19.60
N ASN A 177 11.24 -4.58 -20.23
CA ASN A 177 11.43 -4.77 -21.66
C ASN A 177 10.13 -4.57 -22.43
N GLY A 178 9.05 -4.18 -21.76
CA GLY A 178 7.83 -3.83 -22.44
C GLY A 178 6.84 -4.95 -22.64
N VAL A 179 7.09 -6.12 -22.08
CA VAL A 179 6.14 -7.22 -22.17
C VAL A 179 5.06 -7.03 -21.10
N ILE A 180 3.80 -7.20 -21.51
CA ILE A 180 2.69 -7.09 -20.57
C ILE A 180 2.80 -8.15 -19.50
N ALA A 181 2.70 -7.74 -18.23
CA ALA A 181 2.63 -8.65 -17.09
C ALA A 181 1.16 -8.90 -16.79
N SER A 182 0.69 -10.11 -17.10
CA SER A 182 -0.72 -10.43 -16.87
C SER A 182 -1.02 -10.69 -15.41
N LYS A 183 -0.02 -11.04 -14.60
CA LYS A 183 -0.18 -11.18 -13.15
C LYS A 183 0.89 -10.34 -12.47
N THR A 184 0.49 -9.49 -11.54
CA THR A 184 1.45 -8.66 -10.85
C THR A 184 1.31 -8.87 -9.34
N MET A 185 2.46 -8.98 -8.67
CA MET A 185 2.41 -9.17 -7.23
C MET A 185 1.77 -7.98 -6.55
N ASN A 186 1.97 -6.76 -7.06
CA ASN A 186 1.46 -5.64 -6.28
C ASN A 186 -0.05 -5.49 -6.42
N THR A 187 -0.65 -5.85 -7.56
CA THR A 187 -2.10 -5.92 -7.62
C THR A 187 -2.64 -6.92 -6.60
N HIS A 188 -2.05 -8.12 -6.56
CA HIS A 188 -2.60 -9.16 -5.70
C HIS A 188 -2.28 -8.89 -4.24
N LEU A 189 -1.15 -8.24 -3.96
CA LEU A 189 -0.85 -7.84 -2.59
C LEU A 189 -1.90 -6.89 -2.04
N HIS A 190 -2.31 -5.91 -2.84
CA HIS A 190 -3.29 -4.96 -2.32
C HIS A 190 -4.70 -5.51 -2.33
N VAL A 191 -5.00 -6.54 -3.12
CA VAL A 191 -6.24 -7.28 -2.87
C VAL A 191 -6.20 -7.91 -1.48
N LEU A 192 -5.10 -8.61 -1.17
CA LEU A 192 -4.94 -9.23 0.14
C LEU A 192 -5.11 -8.21 1.26
N GLU A 193 -4.41 -7.08 1.14
CA GLU A 193 -4.48 -6.00 2.12
C GLU A 193 -5.93 -5.52 2.33
N SER A 194 -6.65 -5.28 1.24
CA SER A 194 -8.00 -4.72 1.37
C SER A 194 -8.97 -5.73 1.94
N TYR A 195 -8.85 -7.00 1.52
CA TYR A 195 -9.74 -8.04 2.04
C TYR A 195 -9.51 -8.27 3.53
N THR A 196 -8.28 -8.10 4.00
CA THR A 196 -8.02 -8.20 5.43
C THR A 196 -8.75 -7.10 6.19
N ASN A 197 -8.69 -5.87 5.68
CA ASN A 197 -9.38 -4.78 6.35
C ASN A 197 -10.89 -4.98 6.30
N LEU A 198 -11.39 -5.43 5.15
CA LEU A 198 -12.83 -5.64 5.01
C LEU A 198 -13.33 -6.73 5.97
N TYR A 199 -12.57 -7.83 6.07
CA TYR A 199 -12.98 -8.89 6.97
C TYR A 199 -12.86 -8.48 8.43
N ARG A 200 -11.80 -7.75 8.77
CA ARG A 200 -11.65 -7.25 10.13
C ARG A 200 -12.88 -6.48 10.59
N LEU A 201 -13.47 -5.70 9.69
CA LEU A 201 -14.60 -4.85 10.07
C LEU A 201 -15.95 -5.51 9.86
N LEU A 202 -16.08 -6.46 8.94
CA LEU A 202 -17.37 -7.07 8.64
C LEU A 202 -17.52 -8.50 9.15
N LYS A 203 -16.49 -9.34 9.01
CA LYS A 203 -16.53 -10.72 9.47
C LYS A 203 -17.65 -11.51 8.81
N LEU A 204 -17.79 -11.35 7.49
CA LEU A 204 -18.71 -12.13 6.69
C LEU A 204 -18.01 -13.35 6.09
N ASP A 205 -18.75 -14.45 5.97
CA ASP A 205 -18.17 -15.71 5.52
C ASP A 205 -17.67 -15.62 4.09
N ASP A 206 -18.39 -14.91 3.21
CA ASP A 206 -17.92 -14.73 1.84
C ASP A 206 -16.58 -14.00 1.81
N VAL A 207 -16.43 -12.98 2.66
CA VAL A 207 -15.19 -12.24 2.68
C VAL A 207 -14.07 -13.10 3.25
N TYR A 208 -14.38 -13.87 4.30
CA TYR A 208 -13.38 -14.75 4.88
C TYR A 208 -12.86 -15.75 3.84
N GLU A 209 -13.76 -16.38 3.10
CA GLU A 209 -13.33 -17.37 2.11
C GLU A 209 -12.42 -16.75 1.07
N ALA A 210 -12.74 -15.53 0.61
CA ALA A 210 -11.90 -14.85 -0.36
C ALA A 210 -10.56 -14.45 0.25
N LEU A 211 -10.54 -14.09 1.53
CA LEU A 211 -9.27 -13.78 2.18
C LEU A 211 -8.38 -15.02 2.27
N GLU A 212 -8.93 -16.14 2.73
CA GLU A 212 -8.16 -17.38 2.74
C GLU A 212 -7.66 -17.72 1.34
N TRP A 213 -8.50 -17.52 0.34
CA TRP A 213 -8.13 -17.88 -1.03
C TRP A 213 -6.91 -17.10 -1.51
N ILE A 214 -6.88 -15.78 -1.25
CA ILE A 214 -5.75 -14.98 -1.75
C ILE A 214 -4.50 -15.25 -0.92
N VAL A 215 -4.65 -15.52 0.37
CA VAL A 215 -3.51 -15.94 1.19
C VAL A 215 -2.91 -17.22 0.63
N ARG A 216 -3.76 -18.20 0.29
CA ARG A 216 -3.27 -19.44 -0.29
C ARG A 216 -2.57 -19.21 -1.61
N LEU A 217 -3.09 -18.27 -2.42
CA LEU A 217 -2.43 -17.94 -3.68
C LEU A 217 -1.00 -17.47 -3.44
N PHE A 218 -0.80 -16.63 -2.42
CA PHE A 218 0.54 -16.16 -2.12
C PHE A 218 1.46 -17.30 -1.72
N VAL A 219 0.97 -18.20 -0.87
CA VAL A 219 1.80 -19.33 -0.44
C VAL A 219 2.11 -20.26 -1.60
N ASP A 220 1.11 -20.54 -2.45
CA ASP A 220 1.25 -21.60 -3.45
C ASP A 220 1.80 -21.15 -4.79
N LYS A 221 1.57 -19.90 -5.19
CA LYS A 221 1.89 -19.43 -6.55
C LYS A 221 2.83 -18.24 -6.59
N ILE A 222 2.70 -17.29 -5.68
CA ILE A 222 3.45 -16.05 -5.79
C ILE A 222 4.80 -16.13 -5.08
N TYR A 223 4.86 -16.85 -3.97
CA TYR A 223 6.12 -16.98 -3.26
C TYR A 223 7.04 -17.94 -4.02
N LYS A 224 8.31 -17.57 -4.12
CA LYS A 224 9.32 -18.44 -4.73
C LYS A 224 9.89 -19.29 -3.60
N LYS A 225 9.41 -20.53 -3.51
CA LYS A 225 9.74 -21.41 -2.39
C LYS A 225 11.25 -21.56 -2.24
N GLY A 226 11.72 -21.37 -1.01
CA GLY A 226 13.12 -21.51 -0.68
C GLY A 226 13.98 -20.28 -0.88
N THR A 227 13.40 -19.14 -1.26
CA THR A 227 14.18 -17.96 -1.59
C THR A 227 13.92 -16.75 -0.71
N GLY A 228 12.81 -16.73 0.03
CA GLY A 228 12.41 -15.54 0.74
C GLY A 228 11.94 -14.41 -0.15
N HIS A 229 11.69 -14.67 -1.44
CA HIS A 229 11.30 -13.63 -2.37
C HIS A 229 10.00 -13.99 -3.06
N PHE A 230 9.25 -12.97 -3.41
CA PHE A 230 8.02 -13.15 -4.17
C PHE A 230 8.26 -12.81 -5.63
N LYS A 231 7.50 -13.46 -6.50
CA LYS A 231 7.52 -13.07 -7.90
C LYS A 231 6.97 -11.66 -8.05
N VAL A 232 7.46 -10.93 -9.04
CA VAL A 232 7.05 -9.55 -9.18
C VAL A 232 6.10 -9.38 -10.38
N PHE A 233 6.62 -9.52 -11.58
CA PHE A 233 5.83 -9.37 -12.80
C PHE A 233 5.85 -10.71 -13.54
N CYS A 234 4.66 -11.23 -13.88
CA CYS A 234 4.52 -12.59 -14.38
C CYS A 234 3.58 -12.64 -15.57
N ASP A 235 3.61 -13.77 -16.28
CA ASP A 235 2.64 -14.07 -17.32
C ASP A 235 1.33 -14.48 -16.65
N ASP A 236 0.37 -15.00 -17.42
CA ASP A 236 -0.95 -15.32 -16.87
C ASP A 236 -0.96 -16.55 -15.98
N ASN A 237 0.19 -17.20 -15.82
CA ASN A 237 0.31 -18.46 -15.10
C ASN A 237 1.32 -18.35 -13.95
N TRP A 238 1.66 -17.14 -13.55
CA TRP A 238 2.58 -16.86 -12.44
C TRP A 238 3.99 -17.37 -12.74
N ASN A 239 4.38 -17.35 -14.02
CA ASN A 239 5.76 -17.56 -14.42
C ASN A 239 6.42 -16.20 -14.56
N GLU A 240 7.58 -16.01 -13.91
CA GLU A 240 8.24 -14.70 -13.91
C GLU A 240 8.63 -14.29 -15.33
N LEU A 241 8.35 -13.04 -15.67
CA LEU A 241 8.84 -12.48 -16.93
C LEU A 241 10.34 -12.23 -16.87
N ILE A 242 10.83 -11.85 -15.70
N ILE A 242 10.82 -11.78 -15.72
CA ILE A 242 12.23 -11.51 -15.52
CA ILE A 242 12.22 -11.46 -15.48
C ILE A 242 12.58 -11.79 -14.06
C ILE A 242 12.54 -11.94 -14.07
N LYS A 243 13.81 -12.26 -13.83
CA LYS A 243 14.24 -12.58 -12.47
C LYS A 243 14.43 -11.26 -11.72
N ALA A 244 13.37 -10.83 -11.06
CA ALA A 244 13.37 -9.55 -10.36
C ALA A 244 13.00 -9.81 -8.91
N VAL A 245 13.73 -9.16 -8.00
CA VAL A 245 13.40 -9.17 -6.57
C VAL A 245 13.12 -7.73 -6.16
N SER A 246 11.95 -7.50 -5.58
CA SER A 246 11.63 -6.19 -5.02
C SER A 246 11.68 -6.33 -3.51
N TYR A 247 12.75 -5.83 -2.89
CA TYR A 247 12.91 -6.00 -1.45
C TYR A 247 11.81 -5.29 -0.69
N GLY A 248 11.29 -4.18 -1.22
CA GLY A 248 10.18 -3.49 -0.58
C GLY A 248 8.89 -4.29 -0.60
N PHE A 249 8.54 -4.87 -1.75
CA PHE A 249 7.37 -5.74 -1.82
C PHE A 249 7.52 -6.92 -0.86
N ASP A 250 8.71 -7.52 -0.82
CA ASP A 250 8.94 -8.67 0.04
C ASP A 250 8.63 -8.33 1.50
N ILE A 251 9.21 -7.24 2.01
CA ILE A 251 9.08 -6.96 3.43
C ILE A 251 7.67 -6.44 3.76
N GLU A 252 7.04 -5.71 2.84
CA GLU A 252 5.63 -5.37 2.99
C GLU A 252 4.76 -6.62 3.04
N ALA A 253 4.96 -7.53 2.09
CA ALA A 253 4.19 -8.77 2.04
C ALA A 253 4.37 -9.57 3.31
N SER A 254 5.59 -9.56 3.86
N SER A 254 5.58 -9.53 3.88
CA SER A 254 5.86 -10.30 5.10
CA SER A 254 5.88 -10.29 5.09
C SER A 254 4.88 -9.92 6.20
C SER A 254 4.92 -9.93 6.22
N TRP A 255 4.78 -8.63 6.51
CA TRP A 255 3.91 -8.27 7.62
C TRP A 255 2.43 -8.25 7.21
N LEU A 256 2.10 -8.01 5.93
CA LEU A 256 0.69 -8.08 5.53
C LEU A 256 0.16 -9.50 5.57
N LEU A 257 1.01 -10.48 5.22
CA LEU A 257 0.61 -11.88 5.32
C LEU A 257 0.46 -12.29 6.77
N ASP A 258 1.42 -11.89 7.61
CA ASP A 258 1.33 -12.16 9.05
C ASP A 258 0.07 -11.58 9.64
N GLN A 259 -0.33 -10.40 9.16
CA GLN A 259 -1.55 -9.77 9.66
C GLN A 259 -2.78 -10.54 9.21
N ALA A 260 -2.83 -10.92 7.93
CA ALA A 260 -3.96 -11.72 7.46
C ALA A 260 -4.05 -13.06 8.19
N ALA A 261 -2.89 -13.63 8.56
CA ALA A 261 -2.87 -14.94 9.19
C ALA A 261 -3.59 -14.94 10.53
N LYS A 262 -3.66 -13.78 11.19
CA LYS A 262 -4.30 -13.77 12.50
C LYS A 262 -5.81 -14.05 12.40
N TYR A 263 -6.39 -13.95 11.21
CA TYR A 263 -7.80 -14.20 10.98
C TYR A 263 -8.09 -15.60 10.45
N LEU A 264 -7.05 -16.37 10.12
CA LEU A 264 -7.25 -17.64 9.46
C LEU A 264 -7.85 -18.67 10.40
N LYS A 265 -8.85 -19.41 9.92
CA LYS A 265 -9.45 -20.50 10.68
C LYS A 265 -8.77 -21.83 10.39
N ASP A 266 -7.97 -21.90 9.33
CA ASP A 266 -7.23 -23.09 8.94
C ASP A 266 -5.88 -23.06 9.67
N GLU A 267 -5.72 -23.88 10.69
CA GLU A 267 -4.49 -23.85 11.48
C GLU A 267 -3.23 -24.21 10.74
N LYS A 268 -3.34 -25.15 9.83
CA LYS A 268 -2.22 -25.56 9.03
C LYS A 268 -1.75 -24.40 8.15
N LEU A 269 -2.69 -23.79 7.47
CA LEU A 269 -2.36 -22.68 6.61
C LEU A 269 -1.80 -21.54 7.44
N LYS A 270 -2.41 -21.29 8.59
CA LYS A 270 -1.93 -20.22 9.46
C LYS A 270 -0.47 -20.44 9.84
N GLU A 271 -0.11 -21.66 10.24
CA GLU A 271 1.28 -21.93 10.57
C GLU A 271 2.19 -21.76 9.36
N GLU A 272 1.75 -22.22 8.18
CA GLU A 272 2.52 -22.04 6.95
C GLU A 272 2.79 -20.56 6.68
N VAL A 273 1.75 -19.74 6.81
CA VAL A 273 1.88 -18.32 6.48
C VAL A 273 2.77 -17.61 7.48
N GLU A 274 2.62 -17.94 8.77
CA GLU A 274 3.47 -17.32 9.78
C GLU A 274 4.92 -17.72 9.56
N LYS A 275 5.15 -18.97 9.14
CA LYS A 275 6.50 -19.42 8.84
C LYS A 275 7.06 -18.70 7.62
N LEU A 276 6.25 -18.54 6.57
CA LEU A 276 6.66 -17.83 5.36
C LEU A 276 7.04 -16.39 5.70
N ALA A 277 6.19 -15.72 6.48
CA ALA A 277 6.44 -14.32 6.80
C ALA A 277 7.78 -14.13 7.48
N LEU A 278 8.13 -15.05 8.39
CA LEU A 278 9.40 -14.95 9.08
C LEU A 278 10.57 -15.26 8.14
N GLU A 279 10.44 -16.29 7.29
CA GLU A 279 11.52 -16.59 6.35
C GLU A 279 11.82 -15.40 5.46
N VAL A 280 10.78 -14.67 5.03
CA VAL A 280 10.98 -13.49 4.20
C VAL A 280 11.71 -12.40 4.98
N ALA A 281 11.28 -12.16 6.23
CA ALA A 281 11.91 -11.12 7.03
C ALA A 281 13.38 -11.42 7.26
N GLN A 282 13.69 -12.68 7.52
CA GLN A 282 15.06 -13.03 7.74
C GLN A 282 15.94 -12.87 6.51
N ILE A 283 15.43 -13.23 5.36
CA ILE A 283 16.23 -13.13 4.14
C ILE A 283 16.34 -11.67 3.69
N THR A 284 15.29 -10.87 3.91
CA THR A 284 15.38 -9.44 3.67
C THR A 284 16.45 -8.80 4.53
N LEU A 285 16.47 -9.12 5.83
CA LEU A 285 17.49 -8.56 6.69
C LEU A 285 18.89 -8.98 6.23
N LYS A 286 19.05 -10.23 5.81
CA LYS A 286 20.37 -10.72 5.43
C LYS A 286 20.83 -10.12 4.10
N GLU A 287 19.92 -10.02 3.13
CA GLU A 287 20.31 -9.69 1.77
C GLU A 287 20.17 -8.22 1.41
N ALA A 288 19.24 -7.50 2.04
CA ALA A 288 18.89 -6.18 1.57
C ALA A 288 19.12 -5.07 2.60
N PHE A 289 19.33 -5.41 3.86
CA PHE A 289 19.60 -4.40 4.88
C PHE A 289 21.10 -4.15 4.95
N ASP A 290 21.52 -2.91 4.71
CA ASP A 290 22.94 -2.60 4.60
C ASP A 290 23.55 -2.08 5.89
N GLY A 291 22.84 -2.22 7.01
CA GLY A 291 23.27 -1.65 8.27
C GLY A 291 22.65 -0.31 8.57
N GLN A 292 22.20 0.41 7.55
CA GLN A 292 21.50 1.69 7.68
C GLN A 292 20.05 1.59 7.25
N SER A 293 19.80 0.96 6.11
CA SER A 293 18.51 1.02 5.45
C SER A 293 18.42 -0.13 4.48
N LEU A 294 17.29 -0.22 3.79
CA LEU A 294 17.05 -1.29 2.84
C LEU A 294 17.33 -0.79 1.42
N ILE A 295 17.97 -1.63 0.62
CA ILE A 295 18.12 -1.32 -0.79
C ILE A 295 16.80 -1.60 -1.49
N ASN A 296 16.73 -1.32 -2.79
CA ASN A 296 15.46 -1.28 -3.50
C ASN A 296 15.12 -2.60 -4.20
N GLU A 297 15.95 -3.00 -5.15
CA GLU A 297 15.59 -4.17 -5.96
C GLU A 297 16.86 -4.77 -6.57
N MET A 298 16.70 -5.98 -7.09
CA MET A 298 17.69 -6.61 -7.94
C MET A 298 16.96 -7.19 -9.15
N ILE A 299 17.37 -6.75 -10.33
CA ILE A 299 16.80 -7.21 -11.60
C ILE A 299 17.88 -8.02 -12.27
N GLU A 300 17.63 -9.33 -12.41
CA GLU A 300 18.66 -10.29 -12.76
C GLU A 300 19.85 -10.15 -11.82
N ASP A 301 20.98 -9.66 -12.29
CA ASP A 301 22.14 -9.50 -11.43
C ASP A 301 22.46 -8.05 -11.12
N ARG A 302 21.59 -7.11 -11.49
CA ARG A 302 21.82 -5.69 -11.29
C ARG A 302 21.07 -5.20 -10.06
N ILE A 303 21.80 -4.65 -9.10
CA ILE A 303 21.26 -4.24 -7.81
C ILE A 303 21.05 -2.73 -7.84
N ASP A 304 19.86 -2.30 -7.46
CA ASP A 304 19.55 -0.87 -7.29
C ASP A 304 19.63 -0.56 -5.80
N ARG A 305 20.64 0.21 -5.41
CA ARG A 305 20.84 0.55 -4.01
C ARG A 305 20.23 1.90 -3.64
N SER A 306 19.37 2.44 -4.49
CA SER A 306 18.65 3.65 -4.11
C SER A 306 17.77 3.37 -2.91
N LYS A 307 17.54 4.43 -2.12
CA LYS A 307 16.70 4.37 -0.94
C LYS A 307 15.40 5.05 -1.31
N ILE A 308 14.34 4.25 -1.44
CA ILE A 308 13.03 4.76 -1.86
C ILE A 308 12.15 4.93 -0.63
N TRP A 309 11.36 6.00 -0.61
CA TRP A 309 10.62 6.34 0.61
C TRP A 309 9.73 5.19 1.08
N TRP A 310 8.97 4.58 0.16
CA TRP A 310 8.00 3.59 0.61
C TRP A 310 8.70 2.29 1.00
N VAL A 311 9.83 2.00 0.36
CA VAL A 311 10.61 0.83 0.73
C VAL A 311 11.08 0.93 2.16
N GLU A 312 11.61 2.10 2.53
CA GLU A 312 12.10 2.28 3.89
C GLU A 312 10.94 2.27 4.89
N ALA A 313 9.80 2.85 4.53
CA ALA A 313 8.64 2.81 5.42
C ALA A 313 8.21 1.37 5.70
N GLU A 314 8.11 0.54 4.66
CA GLU A 314 7.64 -0.83 4.85
C GLU A 314 8.66 -1.67 5.61
N THR A 315 9.95 -1.32 5.45
CA THR A 315 11.02 -1.99 6.18
C THR A 315 10.88 -1.77 7.68
N VAL A 316 10.53 -0.56 8.08
CA VAL A 316 10.34 -0.29 9.50
C VAL A 316 9.24 -1.20 10.06
N VAL A 317 8.11 -1.28 9.36
CA VAL A 317 6.99 -2.07 9.87
C VAL A 317 7.34 -3.55 9.83
N GLY A 318 7.92 -4.00 8.71
CA GLY A 318 8.19 -5.42 8.55
C GLY A 318 9.22 -5.93 9.55
N PHE A 319 10.28 -5.15 9.78
CA PHE A 319 11.26 -5.58 10.78
C PHE A 319 10.70 -5.47 12.19
N PHE A 320 9.89 -4.43 12.46
CA PHE A 320 9.31 -4.37 13.81
C PHE A 320 8.37 -5.55 14.05
N ASN A 321 7.58 -5.90 13.04
CA ASN A 321 6.70 -7.04 13.15
C ASN A 321 7.49 -8.32 13.41
N ALA A 322 8.60 -8.51 12.69
CA ALA A 322 9.43 -9.68 12.93
C ALA A 322 10.00 -9.68 14.33
N TYR A 323 10.35 -8.51 14.86
CA TYR A 323 10.78 -8.42 16.26
C TYR A 323 9.67 -8.87 17.20
N GLN A 324 8.44 -8.41 16.97
CA GLN A 324 7.33 -8.79 17.83
C GLN A 324 7.12 -10.31 17.84
N LYS A 325 7.31 -10.96 16.69
CA LYS A 325 7.06 -12.40 16.59
C LYS A 325 8.19 -13.23 17.17
N THR A 326 9.45 -12.77 17.08
CA THR A 326 10.59 -13.58 17.46
C THR A 326 11.31 -13.09 18.70
N LYS A 327 11.10 -11.83 19.09
CA LYS A 327 11.84 -11.12 20.11
C LYS A 327 13.35 -11.06 19.82
N GLU A 328 13.76 -11.33 18.58
CA GLU A 328 15.17 -11.24 18.23
C GLU A 328 15.54 -9.78 18.01
N GLU A 329 16.42 -9.25 18.86
CA GLU A 329 16.72 -7.82 18.84
C GLU A 329 17.27 -7.33 17.50
N LYS A 330 17.82 -8.22 16.68
CA LYS A 330 18.39 -7.76 15.41
C LYS A 330 17.33 -7.08 14.54
N TYR A 331 16.08 -7.57 14.60
CA TYR A 331 15.00 -6.95 13.82
C TYR A 331 14.62 -5.60 14.38
N LEU A 332 14.54 -5.51 15.72
CA LEU A 332 14.24 -4.22 16.33
C LEU A 332 15.33 -3.21 15.99
N ASP A 333 16.59 -3.62 16.05
CA ASP A 333 17.67 -2.70 15.74
C ASP A 333 17.61 -2.23 14.29
N ALA A 334 17.32 -3.15 13.37
CA ALA A 334 17.20 -2.76 11.97
C ALA A 334 16.02 -1.81 11.75
N ALA A 335 14.91 -2.04 12.44
CA ALA A 335 13.75 -1.15 12.27
C ALA A 335 14.05 0.26 12.76
N ILE A 336 14.68 0.39 13.93
CA ILE A 336 14.97 1.72 14.45
C ILE A 336 16.04 2.41 13.62
N LYS A 337 17.05 1.65 13.17
CA LYS A 337 18.10 2.24 12.35
C LYS A 337 17.53 2.75 11.02
N THR A 338 16.61 2.00 10.41
CA THR A 338 15.98 2.46 9.18
C THR A 338 15.20 3.74 9.42
N TRP A 339 14.49 3.83 10.55
CA TRP A 339 13.81 5.08 10.89
C TRP A 339 14.82 6.22 11.06
N GLU A 340 15.92 5.97 11.78
CA GLU A 340 16.94 6.99 11.90
C GLU A 340 17.50 7.39 10.53
N PHE A 341 17.60 6.42 9.61
CA PHE A 341 17.99 6.74 8.25
C PHE A 341 16.95 7.66 7.59
N ILE A 342 15.67 7.27 7.65
CA ILE A 342 14.59 8.09 7.09
C ILE A 342 14.66 9.51 7.64
N LYS A 343 14.78 9.64 8.96
CA LYS A 343 14.81 10.97 9.57
C LYS A 343 15.96 11.82 9.01
N GLU A 344 17.10 11.20 8.77
CA GLU A 344 18.26 12.00 8.38
C GLU A 344 18.29 12.29 6.90
N HIS A 345 17.80 11.38 6.06
CA HIS A 345 18.01 11.46 4.61
C HIS A 345 16.75 11.53 3.77
N LEU A 346 15.61 11.07 4.26
CA LEU A 346 14.38 11.14 3.46
C LEU A 346 13.37 12.18 3.95
N VAL A 347 13.36 12.52 5.23
CA VAL A 347 12.46 13.58 5.68
C VAL A 347 12.99 14.90 5.15
N ASP A 348 12.17 15.59 4.39
CA ASP A 348 12.58 16.84 3.78
C ASP A 348 12.80 17.92 4.83
N ARG A 349 13.94 18.55 4.77
CA ARG A 349 14.29 19.57 5.71
C ARG A 349 13.67 20.91 5.40
N ARG A 350 13.18 21.08 4.19
CA ARG A 350 12.58 22.31 3.80
C ARG A 350 11.24 22.52 4.43
N LYS A 351 10.84 23.78 4.60
CA LYS A 351 9.54 24.06 5.17
C LYS A 351 8.45 23.65 4.19
N ASN A 352 7.29 23.28 4.75
CA ASN A 352 6.10 22.96 3.97
C ASN A 352 6.31 21.73 3.09
N SER A 353 7.18 20.82 3.51
CA SER A 353 7.45 19.61 2.75
C SER A 353 7.10 18.38 3.57
N GLU A 354 7.49 17.21 3.07
CA GLU A 354 7.12 15.97 3.72
C GLU A 354 8.31 15.01 3.62
N TRP A 355 8.17 13.92 2.87
CA TRP A 355 9.26 12.98 2.64
C TRP A 355 9.74 13.10 1.19
N LEU A 356 11.04 12.94 0.98
CA LEU A 356 11.54 12.88 -0.39
C LEU A 356 11.20 11.53 -1.00
N TRP A 357 11.06 11.52 -2.32
CA TRP A 357 10.79 10.27 -3.02
C TRP A 357 11.92 9.28 -2.84
N LYS A 358 13.17 9.74 -3.01
CA LYS A 358 14.29 8.83 -2.87
C LYS A 358 15.58 9.63 -2.74
N VAL A 359 16.61 8.96 -2.23
CA VAL A 359 17.98 9.40 -2.39
C VAL A 359 18.71 8.29 -3.13
N ASN A 360 19.78 8.66 -3.80
CA ASN A 360 20.50 7.65 -4.56
C ASN A 360 21.46 6.91 -3.64
N GLU A 361 22.26 6.01 -4.23
CA GLU A 361 23.14 5.14 -3.46
C GLU A 361 24.15 5.93 -2.63
N ASP A 362 24.52 7.13 -3.07
CA ASP A 362 25.41 8.00 -2.33
C ASP A 362 24.66 8.98 -1.43
N LEU A 363 23.37 8.74 -1.18
CA LEU A 363 22.55 9.52 -0.27
C LEU A 363 22.29 10.94 -0.78
N GLU A 364 22.36 11.16 -2.09
CA GLU A 364 22.03 12.45 -2.67
C GLU A 364 20.57 12.46 -3.10
N ALA A 365 19.89 13.58 -2.80
CA ALA A 365 18.51 13.74 -3.23
C ALA A 365 18.43 13.80 -4.75
N VAL A 366 17.39 13.19 -5.29
CA VAL A 366 17.13 13.12 -6.72
C VAL A 366 15.88 13.93 -6.99
N ASN A 367 15.88 14.69 -8.09
CA ASN A 367 14.70 15.49 -8.39
C ASN A 367 13.51 14.58 -8.72
N MET A 368 12.58 14.46 -7.79
CA MET A 368 11.37 13.67 -7.93
C MET A 368 10.25 14.39 -7.19
N PRO A 369 9.00 14.21 -7.59
CA PRO A 369 7.90 14.91 -6.91
C PRO A 369 7.71 14.46 -5.47
N ILE A 370 7.16 15.38 -4.66
CA ILE A 370 6.74 15.06 -3.29
C ILE A 370 5.35 14.45 -3.29
N VAL A 371 4.51 14.82 -4.25
CA VAL A 371 3.16 14.29 -4.39
C VAL A 371 2.98 13.93 -5.84
N GLU A 372 2.46 12.74 -6.10
CA GLU A 372 2.24 12.28 -7.46
C GLU A 372 1.20 11.17 -7.39
N GLN A 373 0.73 10.72 -8.56
CA GLN A 373 -0.25 9.64 -8.52
C GLN A 373 0.27 8.43 -7.75
N TRP A 374 1.59 8.23 -7.68
CA TRP A 374 2.14 7.09 -6.93
C TRP A 374 2.82 7.47 -5.64
N LYS A 375 2.83 8.74 -5.24
CA LYS A 375 3.42 9.12 -3.96
C LYS A 375 2.35 9.77 -3.08
N CYS A 376 2.10 9.14 -1.94
CA CYS A 376 0.88 9.20 -1.14
C CYS A 376 1.25 9.34 0.32
N PRO A 377 0.28 9.55 1.22
CA PRO A 377 0.57 9.44 2.66
C PRO A 377 0.43 8.04 3.21
N TYR A 378 0.15 7.06 2.36
CA TYR A 378 -0.27 5.75 2.84
C TYR A 378 0.90 4.93 3.38
N HIS A 379 2.00 4.78 2.63
CA HIS A 379 3.11 3.96 3.12
C HIS A 379 3.76 4.55 4.37
N ASN A 380 4.07 5.85 4.34
CA ASN A 380 4.77 6.44 5.48
C ASN A 380 3.80 6.75 6.61
N GLY A 381 2.58 7.19 6.29
CA GLY A 381 1.58 7.36 7.32
C GLY A 381 1.28 6.06 8.03
N ARG A 382 1.16 4.96 7.26
CA ARG A 382 0.83 3.70 7.88
C ARG A 382 1.98 3.19 8.75
N MET A 383 3.22 3.48 8.35
CA MET A 383 4.36 3.12 9.18
C MET A 383 4.17 3.72 10.58
N CYS A 384 3.85 5.01 10.65
CA CYS A 384 3.66 5.64 11.95
C CYS A 384 2.48 5.00 12.69
N LEU A 385 1.36 4.81 11.99
CA LEU A 385 0.16 4.30 12.64
C LEU A 385 0.35 2.87 13.12
N GLU A 386 1.06 2.04 12.36
CA GLU A 386 1.30 0.66 12.78
C GLU A 386 2.08 0.62 14.08
N ILE A 387 3.16 1.39 14.17
CA ILE A 387 3.95 1.36 15.39
C ILE A 387 3.12 1.86 16.56
N ILE A 388 2.31 2.91 16.35
CA ILE A 388 1.47 3.41 17.43
C ILE A 388 0.51 2.33 17.90
N LYS A 389 -0.10 1.61 16.97
CA LYS A 389 -1.05 0.54 17.32
C LYS A 389 -0.37 -0.62 18.01
N ARG A 390 0.85 -0.95 17.60
CA ARG A 390 1.52 -2.17 18.05
C ARG A 390 2.24 -2.00 19.37
N VAL A 391 2.60 -0.78 19.76
CA VAL A 391 3.32 -0.57 21.02
C VAL A 391 2.35 -0.13 22.11
#